data_6Y7Q
#
_entry.id   6Y7Q
#
_cell.length_a   32.784
_cell.length_b   32.784
_cell.length_c   200.681
_cell.angle_alpha   90.000
_cell.angle_beta   90.000
_cell.angle_gamma   90.000
#
_symmetry.space_group_name_H-M   'P 43 21 2'
#
loop_
_entity.id
_entity.type
_entity.pdbx_description
1 polymer 'Potassium voltage-gated channel subfamily H member 7'
2 non-polymer GLYCEROL
3 non-polymer 1,2-ETHANEDIOL
4 water water
#
_entity_poly.entity_id   1
_entity_poly.type   'polypeptide(L)'
_entity_poly.pdbx_seq_one_letter_code
;MPVRRGHVAPQNTFLGTIIRKFEGQNKKFIIANARVQNCAIIYCNDGFCEMTGFSRPDVMQKPCTCDFLHGPETKRHDIA
QIAQALLGSEERKVEVTYYHKNGSTFICNTHIIPVKNQEGVAMMFIINFEYVTDN
;
_entity_poly.pdbx_strand_id   AAA
#
loop_
_chem_comp.id
_chem_comp.type
_chem_comp.name
_chem_comp.formula
EDO non-polymer 1,2-ETHANEDIOL 'C2 H6 O2'
GOL non-polymer GLYCEROL 'C3 H8 O3'
#
# COMPACT_ATOMS: atom_id res chain seq x y z
N ILE A 18 15.38 -2.54 1.63
CA ILE A 18 14.04 -2.99 2.19
C ILE A 18 13.23 -3.77 1.14
N ILE A 19 13.37 -3.51 -0.17
CA ILE A 19 12.64 -4.33 -1.17
C ILE A 19 13.12 -5.78 -1.07
N ARG A 20 14.42 -5.98 -0.75
CA ARG A 20 15.01 -7.33 -0.56
C ARG A 20 14.47 -8.02 0.68
N LYS A 21 14.45 -7.30 1.80
CA LYS A 21 13.83 -7.77 3.08
C LYS A 21 12.41 -8.26 2.76
N PHE A 22 11.62 -7.40 2.12
CA PHE A 22 10.15 -7.57 1.92
C PHE A 22 9.92 -8.76 0.98
N GLU A 23 10.58 -8.76 -0.17
CA GLU A 23 10.44 -9.86 -1.15
C GLU A 23 10.99 -11.14 -0.51
N GLY A 24 12.15 -11.08 0.15
CA GLY A 24 12.83 -12.26 0.77
C GLY A 24 11.99 -12.92 1.88
N GLN A 25 11.14 -12.15 2.57
CA GLN A 25 10.36 -12.69 3.73
C GLN A 25 8.91 -13.01 3.32
N ASN A 26 8.59 -12.92 2.01
CA ASN A 26 7.20 -13.08 1.52
C ASN A 26 6.29 -12.18 2.39
N LYS A 27 6.72 -10.91 2.46
CA LYS A 27 5.90 -9.76 2.84
C LYS A 27 4.90 -9.56 1.70
N LYS A 28 4.04 -8.56 1.88
CA LYS A 28 2.98 -8.25 0.91
C LYS A 28 3.07 -6.77 0.62
N PHE A 29 3.57 -6.45 -0.56
CA PHE A 29 3.93 -5.02 -0.74
C PHE A 29 3.75 -4.60 -2.18
N ILE A 30 3.73 -3.27 -2.31
CA ILE A 30 3.76 -2.65 -3.65
C ILE A 30 4.92 -1.62 -3.63
N ILE A 31 5.28 -1.23 -4.86
CA ILE A 31 6.19 -0.05 -5.02
C ILE A 31 5.42 0.88 -5.94
N ALA A 32 5.50 2.16 -5.64
CA ALA A 32 4.80 3.18 -6.41
C ALA A 32 5.81 4.28 -6.85
N ASN A 33 5.40 4.96 -7.89
CA ASN A 33 6.22 6.10 -8.41
C ASN A 33 5.64 7.33 -7.75
N ALA A 34 6.42 8.01 -6.89
CA ALA A 34 6.00 9.17 -6.10
C ALA A 34 6.09 10.47 -6.94
N ARG A 35 6.62 10.37 -8.17
CA ARG A 35 6.89 11.54 -9.06
C ARG A 35 5.69 11.83 -9.93
N VAL A 36 4.84 10.85 -10.18
CA VAL A 36 3.70 11.09 -11.09
C VAL A 36 2.49 11.43 -10.22
N GLN A 37 1.54 12.16 -10.79
CA GLN A 37 0.49 12.78 -9.94
C GLN A 37 -0.41 11.70 -9.31
N ASN A 38 -0.57 10.53 -9.94
CA ASN A 38 -1.51 9.53 -9.40
C ASN A 38 -0.79 8.49 -8.54
N CYS A 39 0.48 8.67 -8.21
CA CYS A 39 1.26 7.74 -7.35
C CYS A 39 1.13 6.30 -7.86
N ALA A 40 1.30 6.09 -9.14
CA ALA A 40 1.09 4.84 -9.88
C ALA A 40 1.88 3.71 -9.29
N ILE A 41 1.18 2.58 -9.03
CA ILE A 41 1.87 1.35 -8.64
C ILE A 41 2.69 0.79 -9.79
N ILE A 42 3.97 0.57 -9.58
CA ILE A 42 4.84 0.04 -10.65
C ILE A 42 5.32 -1.35 -10.35
N TYR A 43 4.93 -1.89 -9.17
CA TYR A 43 5.32 -3.26 -8.86
C TYR A 43 4.33 -3.73 -7.76
N CYS A 44 3.73 -4.92 -7.89
N CYS A 44 3.99 -5.02 -7.88
CA CYS A 44 3.14 -5.53 -6.68
CA CYS A 44 3.07 -5.73 -6.99
C CYS A 44 3.59 -6.98 -6.66
C CYS A 44 3.64 -7.10 -6.73
N ASN A 45 3.95 -7.46 -5.46
CA ASN A 45 4.50 -8.80 -5.28
C ASN A 45 3.35 -9.88 -5.18
N ASP A 46 3.76 -11.10 -5.36
CA ASP A 46 2.77 -12.21 -5.34
C ASP A 46 2.05 -12.19 -3.99
N GLY A 47 2.75 -11.90 -2.90
CA GLY A 47 2.09 -11.93 -1.57
C GLY A 47 1.00 -10.92 -1.47
N PHE A 48 1.06 -9.73 -2.00
CA PHE A 48 -0.04 -8.79 -2.03
C PHE A 48 -1.21 -9.27 -2.89
N CYS A 49 -1.04 -9.89 -4.03
CA CYS A 49 -2.14 -10.43 -4.86
C CYS A 49 -2.84 -11.59 -4.12
N GLU A 50 -2.08 -12.43 -3.50
CA GLU A 50 -2.61 -13.65 -2.84
C GLU A 50 -3.42 -13.18 -1.65
N MET A 51 -2.93 -12.30 -0.83
CA MET A 51 -3.66 -11.82 0.35
C MET A 51 -4.94 -11.08 -0.03
N THR A 52 -4.98 -10.19 -0.97
CA THR A 52 -6.06 -9.29 -1.25
C THR A 52 -7.03 -9.94 -2.24
N GLY A 53 -6.63 -10.97 -2.94
CA GLY A 53 -7.38 -11.57 -4.05
C GLY A 53 -7.50 -10.78 -5.31
N PHE A 54 -6.69 -9.72 -5.45
CA PHE A 54 -6.65 -8.92 -6.70
C PHE A 54 -5.50 -9.46 -7.53
N SER A 55 -5.80 -9.70 -8.82
CA SER A 55 -4.79 -10.11 -9.81
C SER A 55 -3.81 -8.97 -10.09
N ARG A 56 -2.57 -9.31 -10.46
CA ARG A 56 -1.58 -8.28 -10.78
C ARG A 56 -2.12 -7.32 -11.83
N PRO A 57 -2.76 -7.75 -12.98
CA PRO A 57 -3.26 -6.79 -13.98
C PRO A 57 -4.32 -5.86 -13.43
N ASP A 58 -4.96 -6.29 -12.32
CA ASP A 58 -5.98 -5.45 -11.68
C ASP A 58 -5.37 -4.41 -10.70
N VAL A 59 -4.11 -4.57 -10.30
CA VAL A 59 -3.46 -3.68 -9.31
C VAL A 59 -2.53 -2.70 -10.06
N MET A 60 -1.85 -3.15 -11.10
CA MET A 60 -0.76 -2.35 -11.76
C MET A 60 -1.31 -0.99 -12.22
N GLN A 61 -0.52 0.05 -11.97
CA GLN A 61 -0.74 1.45 -12.40
C GLN A 61 -1.87 2.08 -11.61
N LYS A 62 -2.52 1.38 -10.65
CA LYS A 62 -3.54 2.06 -9.85
C LYS A 62 -2.85 2.96 -8.86
N PRO A 63 -3.57 3.95 -8.29
CA PRO A 63 -2.96 4.78 -7.28
C PRO A 63 -2.48 3.96 -6.10
N CYS A 64 -1.43 4.41 -5.46
CA CYS A 64 -0.70 3.70 -4.41
C CYS A 64 -1.60 3.65 -3.14
N THR A 65 -2.60 4.53 -3.08
CA THR A 65 -3.59 4.45 -1.94
C THR A 65 -4.35 3.14 -1.96
N CYS A 66 -4.41 2.39 -3.08
CA CYS A 66 -5.04 1.04 -3.14
C CYS A 66 -6.49 1.21 -2.77
N ASP A 67 -7.20 2.13 -3.35
CA ASP A 67 -8.63 2.41 -3.11
C ASP A 67 -9.48 1.18 -3.45
N PHE A 68 -9.03 0.24 -4.25
CA PHE A 68 -9.75 -0.99 -4.64
C PHE A 68 -9.84 -1.89 -3.38
N LEU A 69 -9.18 -1.55 -2.27
CA LEU A 69 -9.22 -2.33 -1.02
C LEU A 69 -10.23 -1.68 -0.10
N HIS A 70 -10.87 -0.62 -0.46
CA HIS A 70 -11.72 0.19 0.48
C HIS A 70 -13.16 -0.28 0.33
N GLY A 71 -13.84 -0.38 1.47
CA GLY A 71 -15.30 -0.66 1.44
C GLY A 71 -16.03 0.12 2.47
N PRO A 72 -17.28 -0.39 2.82
CA PRO A 72 -18.10 0.30 3.78
C PRO A 72 -17.46 0.48 5.15
N GLU A 73 -16.79 -0.56 5.68
CA GLU A 73 -16.26 -0.46 7.05
C GLU A 73 -14.84 0.10 7.02
N THR A 74 -14.39 0.55 5.85
CA THR A 74 -13.06 1.22 5.85
C THR A 74 -13.26 2.64 6.35
N LYS A 75 -12.60 3.04 7.44
CA LYS A 75 -12.87 4.34 8.11
C LYS A 75 -12.23 5.50 7.32
N ARG A 76 -12.99 6.55 7.13
CA ARG A 76 -12.54 7.79 6.46
C ARG A 76 -11.28 8.37 7.14
N HIS A 77 -11.20 8.46 8.47
CA HIS A 77 -10.04 8.92 9.26
C HIS A 77 -8.81 8.09 8.91
N ASP A 78 -8.98 6.77 8.72
CA ASP A 78 -7.83 5.90 8.43
C ASP A 78 -7.35 6.13 7.00
N ILE A 79 -8.27 6.15 6.04
CA ILE A 79 -7.96 6.49 4.64
C ILE A 79 -7.22 7.85 4.62
N ALA A 80 -7.65 8.82 5.41
CA ALA A 80 -7.07 10.19 5.35
C ALA A 80 -5.65 10.14 5.90
N GLN A 81 -5.39 9.39 6.98
CA GLN A 81 -4.03 9.32 7.56
C GLN A 81 -3.08 8.64 6.57
N ILE A 82 -3.52 7.65 5.81
CA ILE A 82 -2.67 6.99 4.79
C ILE A 82 -2.37 8.03 3.70
N ALA A 83 -3.40 8.67 3.17
CA ALA A 83 -3.25 9.65 2.07
C ALA A 83 -2.34 10.79 2.52
N GLN A 84 -2.44 11.25 3.77
CA GLN A 84 -1.66 12.37 4.35
C GLN A 84 -0.18 12.01 4.40
N ALA A 85 0.15 10.77 4.75
CA ALA A 85 1.56 10.34 4.87
C ALA A 85 2.19 10.36 3.49
N LEU A 86 1.40 9.93 2.50
CA LEU A 86 1.84 9.91 1.08
C LEU A 86 2.04 11.33 0.60
N LEU A 87 1.07 12.21 0.87
CA LEU A 87 1.16 13.63 0.44
C LEU A 87 2.34 14.34 1.15
N GLY A 88 2.64 14.02 2.41
CA GLY A 88 3.70 14.69 3.18
C GLY A 88 5.02 13.94 3.02
N SER A 89 5.07 12.89 2.20
CA SER A 89 6.30 12.09 2.01
C SER A 89 6.82 11.62 3.38
N GLU A 90 5.92 11.15 4.25
CA GLU A 90 6.30 10.71 5.61
C GLU A 90 6.21 9.20 5.73
N GLU A 91 7.11 8.61 6.52
CA GLU A 91 6.97 7.22 6.98
C GLU A 91 5.88 7.16 8.05
N ARG A 92 4.94 6.23 7.88
CA ARG A 92 3.82 6.16 8.83
C ARG A 92 3.31 4.72 8.81
N LYS A 93 2.77 4.32 9.94
CA LYS A 93 2.07 3.01 10.07
C LYS A 93 0.62 3.27 10.49
N VAL A 94 -0.34 2.84 9.68
CA VAL A 94 -1.79 3.06 9.99
C VAL A 94 -2.53 1.73 9.97
N GLU A 95 -3.27 1.48 11.04
CA GLU A 95 -4.15 0.30 11.12
C GLU A 95 -5.48 0.70 10.45
N VAL A 96 -6.00 -0.18 9.59
CA VAL A 96 -7.16 0.12 8.73
C VAL A 96 -7.89 -1.18 8.44
N THR A 97 -9.21 -1.06 8.22
CA THR A 97 -10.01 -2.21 7.71
C THR A 97 -10.05 -2.15 6.18
N TYR A 98 -9.58 -3.21 5.53
CA TYR A 98 -9.61 -3.34 4.07
C TYR A 98 -10.49 -4.48 3.65
N TYR A 99 -10.72 -4.67 2.39
CA TYR A 99 -11.61 -5.72 1.83
C TYR A 99 -10.90 -6.57 0.82
N HIS A 100 -10.85 -7.84 1.01
CA HIS A 100 -10.55 -8.84 -0.03
C HIS A 100 -11.50 -8.66 -1.19
N LYS A 101 -11.05 -9.09 -2.38
CA LYS A 101 -11.90 -9.04 -3.58
C LYS A 101 -13.26 -9.71 -3.28
N ASN A 102 -13.24 -10.75 -2.46
CA ASN A 102 -14.47 -11.53 -2.23
C ASN A 102 -15.40 -10.81 -1.27
N GLY A 103 -15.12 -9.65 -0.77
CA GLY A 103 -16.04 -8.80 -0.01
C GLY A 103 -15.94 -9.06 1.49
N SER A 104 -15.03 -9.95 1.89
CA SER A 104 -14.67 -10.14 3.32
C SER A 104 -13.68 -9.08 3.79
N THR A 105 -13.79 -8.62 4.98
CA THR A 105 -13.00 -7.66 5.75
C THR A 105 -11.69 -8.32 6.21
N PHE A 106 -10.61 -7.53 6.23
CA PHE A 106 -9.38 -7.91 6.99
C PHE A 106 -8.80 -6.65 7.61
N ILE A 107 -8.22 -6.77 8.79
CA ILE A 107 -7.52 -5.63 9.44
C ILE A 107 -6.07 -5.68 8.93
N CYS A 108 -5.60 -4.49 8.59
CA CYS A 108 -4.27 -4.32 8.00
C CYS A 108 -3.49 -3.22 8.73
N ASN A 109 -2.21 -3.47 8.92
CA ASN A 109 -1.29 -2.37 9.28
C ASN A 109 -0.56 -1.94 8.00
N THR A 110 -0.90 -0.76 7.51
CA THR A 110 -0.35 -0.26 6.21
C THR A 110 0.87 0.59 6.55
N HIS A 111 2.04 0.18 6.10
CA HIS A 111 3.35 0.83 6.44
C HIS A 111 3.89 1.55 5.20
N ILE A 112 3.75 2.86 5.16
CA ILE A 112 4.20 3.72 4.03
C ILE A 112 5.67 4.03 4.29
N ILE A 113 6.51 3.66 3.32
CA ILE A 113 7.96 4.01 3.41
C ILE A 113 8.35 4.84 2.20
N PRO A 114 8.57 6.16 2.36
CA PRO A 114 9.14 6.95 1.27
C PRO A 114 10.58 6.53 0.95
N VAL A 115 10.87 6.63 -0.34
CA VAL A 115 12.26 6.44 -0.83
C VAL A 115 12.72 7.77 -1.44
N LYS A 116 13.56 8.50 -0.71
CA LYS A 116 13.91 9.93 -0.98
C LYS A 116 15.28 10.05 -1.64
N ASN A 117 15.45 11.05 -2.49
CA ASN A 117 16.81 11.40 -3.03
C ASN A 117 17.56 12.13 -1.92
N GLN A 118 18.85 12.45 -2.13
CA GLN A 118 19.69 13.10 -1.10
C GLN A 118 19.09 14.44 -0.72
N GLU A 119 18.37 15.04 -1.69
CA GLU A 119 17.77 16.38 -1.53
C GLU A 119 16.52 16.26 -0.67
N GLY A 120 16.08 15.04 -0.34
CA GLY A 120 14.95 14.79 0.59
C GLY A 120 13.62 14.63 -0.13
N VAL A 121 13.65 14.48 -1.45
CA VAL A 121 12.43 14.44 -2.28
C VAL A 121 12.08 12.97 -2.49
N ALA A 122 10.84 12.63 -2.20
CA ALA A 122 10.41 11.23 -2.35
C ALA A 122 10.34 10.91 -3.84
N MET A 123 11.00 9.84 -4.25
CA MET A 123 10.97 9.38 -5.66
C MET A 123 10.01 8.18 -5.79
N MET A 124 9.96 7.31 -4.76
CA MET A 124 9.11 6.09 -4.78
C MET A 124 8.53 6.01 -3.38
N PHE A 125 7.46 5.23 -3.30
CA PHE A 125 7.00 4.69 -1.99
C PHE A 125 7.04 3.16 -2.05
N ILE A 126 7.49 2.57 -0.96
CA ILE A 126 7.25 1.13 -0.70
C ILE A 126 6.12 1.09 0.32
N ILE A 127 5.04 0.36 0.01
CA ILE A 127 3.95 0.20 1.00
C ILE A 127 3.80 -1.28 1.32
N ASN A 128 3.96 -1.60 2.59
CA ASN A 128 3.90 -2.97 3.11
C ASN A 128 2.55 -3.07 3.80
N PHE A 129 1.93 -4.22 3.61
CA PHE A 129 0.59 -4.54 4.19
C PHE A 129 0.67 -5.76 5.11
N GLU A 130 0.54 -5.52 6.39
CA GLU A 130 0.68 -6.57 7.46
C GLU A 130 -0.74 -7.00 7.90
N TYR A 131 -1.13 -8.25 7.65
CA TYR A 131 -2.44 -8.79 8.15
C TYR A 131 -2.41 -8.80 9.68
N VAL A 132 -3.54 -8.38 10.23
CA VAL A 132 -3.73 -8.39 11.71
C VAL A 132 -4.94 -9.27 12.06
N THR A 133 -4.71 -10.32 12.83
CA THR A 133 -5.86 -11.21 13.24
C THR A 133 -6.82 -10.42 14.14
N ASP A 134 -8.10 -10.75 14.07
CA ASP A 134 -9.13 -10.01 14.85
C ASP A 134 -9.33 -10.75 16.17
C1 GOL B . -15.84 6.52 8.26
O1 GOL B . -17.27 6.28 8.34
C2 GOL B . -15.32 7.43 9.39
O2 GOL B . -15.60 6.88 10.67
C3 GOL B . -13.83 7.63 9.45
O3 GOL B . -13.40 8.19 10.67
H11 GOL B . -15.63 6.95 7.40
H12 GOL B . -15.38 5.66 8.31
HO1 GOL B . -17.45 5.77 7.67
H2 GOL B . -15.74 8.31 9.32
HO2 GOL B . -14.88 6.82 11.12
H31 GOL B . -13.58 8.23 8.73
H32 GOL B . -13.39 6.77 9.32
HO3 GOL B . -14.07 8.34 11.16
C1 EDO C . 2.95 -15.32 5.93
O1 EDO C . 1.64 -14.80 5.68
C2 EDO C . 4.00 -14.32 6.26
O2 EDO C . 4.00 -13.75 7.59
H11 EDO C . 3.23 -15.81 5.12
H12 EDO C . 2.89 -15.96 6.67
HO1 EDO C . 1.18 -15.45 5.40
H21 EDO C . 3.94 -13.58 5.62
H22 EDO C . 4.87 -14.76 6.15
HO2 EDO C . 3.19 -14.02 7.98
C1 EDO D . 1.63 -9.65 7.82
O1 EDO D . 0.75 -10.35 6.99
C2 EDO D . 1.41 -9.66 9.28
O2 EDO D . 1.17 -10.85 9.76
H11 EDO D . 1.62 -8.71 7.55
H12 EDO D . 2.53 -10.00 7.67
HO1 EDO D . 0.96 -10.24 6.17
H21 EDO D . 0.67 -9.07 9.49
H22 EDO D . 2.22 -9.32 9.71
HO2 EDO D . 1.02 -11.39 9.11
#